data_2WQP
#
_entry.id   2WQP
#
_cell.length_a   58.619
_cell.length_b   75.744
_cell.length_c   77.361
_cell.angle_alpha   90.00
_cell.angle_beta   90.00
_cell.angle_gamma   90.00
#
_symmetry.space_group_name_H-M   'P 21 21 2'
#
loop_
_entity.id
_entity.type
_entity.pdbx_description
1 polymer 'POLYSIALIC ACID CAPSULE BIOSYNTHESIS PROTEIN SIAC'
2 non-polymer '5-(ACETYLAMINO)-3,5-DIDEOXY-2-O-PHOSPHONO-D-ERYTHRO-L-MANNO-NONONIC ACID'
3 non-polymer 'MANGANESE (II) ION'
4 non-polymer 'ACETATE ION'
5 non-polymer 1,2-ETHANEDIOL
6 non-polymer '(2S)-2-hydroxybutanedioic acid'
7 water water
#
_entity_poly.entity_id   1
_entity_poly.type   'polypeptide(L)'
_entity_poly.pdbx_seq_one_letter_code
;(MSE)QNNNEFKIGNRSVGYNHEPLIICEIGINHEGSLKTAFE(MSE)VDAAYNAGAEVVKHQTHIVEDE(MSE)SDEAK
QVIPGNADVSIYEI(MSE)ERCALNEEDEIKLKEYVESKG(MSE)IFISTLFSRAAALRLQR(MSE)DIPAYKIGSGECN
NYPLIKLVASFGKPIILSTG(MSE)NSIESIKKSVEIIREAGVPYALLHCTNIYPTPYEDVRLGG(MSE)NDLSEAFPDA
IIGLSDHTLDNYACLGAVALGGSILERHFTDR(MSE)DRPGPDIVCS(MSE)NPDTFKELKQGAHALKLARGGKKDTIIA
GEKPTKDFAFASVVADKDIKKGELLSGDNLWVKRPGNGDFSVNEYETLFGKVAACNIRKGAQIKKTDIE
;
_entity_poly.pdbx_strand_id   A
#
loop_
_chem_comp.id
_chem_comp.type
_chem_comp.name
_chem_comp.formula
ACT non-polymer 'ACETATE ION' 'C2 H3 O2 -1'
EDO non-polymer 1,2-ETHANEDIOL 'C2 H6 O2'
LMR non-polymer '(2S)-2-hydroxybutanedioic acid' 'C4 H6 O5'
MN non-polymer 'MANGANESE (II) ION' 'Mn 2'
WQP non-polymer '5-(ACETYLAMINO)-3,5-DIDEOXY-2-O-PHOSPHONO-D-ERYTHRO-L-MANNO-NONONIC ACID' 'C11 H22 N O12 P'
#
# COMPACT_ATOMS: atom_id res chain seq x y z
N GLN A 2 6.68 -6.85 -8.50
CA GLN A 2 6.67 -7.62 -7.22
C GLN A 2 6.00 -8.97 -7.41
N ASN A 3 4.69 -8.97 -7.61
CA ASN A 3 4.01 -10.22 -7.86
C ASN A 3 2.73 -9.98 -8.64
N ASN A 4 2.08 -11.06 -9.06
CA ASN A 4 0.88 -10.97 -9.86
C ASN A 4 -0.34 -11.50 -9.13
N ASN A 5 -0.25 -11.63 -7.81
CA ASN A 5 -1.38 -12.11 -7.02
C ASN A 5 -2.55 -11.13 -7.10
N GLU A 6 -3.75 -11.65 -7.30
CA GLU A 6 -4.94 -10.80 -7.31
C GLU A 6 -6.17 -11.58 -6.87
N PHE A 7 -7.17 -10.86 -6.38
CA PHE A 7 -8.50 -11.41 -6.27
C PHE A 7 -9.48 -10.26 -6.28
N LYS A 8 -10.76 -10.59 -6.37
CA LYS A 8 -11.81 -9.58 -6.43
C LYS A 8 -12.63 -9.48 -5.15
N ILE A 9 -12.96 -8.25 -4.80
CA ILE A 9 -13.90 -7.94 -3.74
C ILE A 9 -15.07 -7.33 -4.47
N GLY A 10 -16.14 -8.11 -4.63
CA GLY A 10 -17.22 -7.75 -5.53
C GLY A 10 -16.65 -7.63 -6.94
N ASN A 11 -16.82 -6.46 -7.55
CA ASN A 11 -16.27 -6.22 -8.87
C ASN A 11 -14.90 -5.50 -8.86
N ARG A 12 -14.32 -5.34 -7.68
CA ARG A 12 -13.06 -4.60 -7.54
C ARG A 12 -11.87 -5.56 -7.38
N SER A 13 -10.96 -5.51 -8.35
CA SER A 13 -9.73 -6.30 -8.30
C SER A 13 -8.70 -5.66 -7.38
N VAL A 14 -8.05 -6.47 -6.56
CA VAL A 14 -6.99 -5.94 -5.75
C VAL A 14 -5.75 -6.78 -5.99
N GLY A 15 -4.60 -6.13 -5.88
CA GLY A 15 -3.33 -6.78 -6.13
C GLY A 15 -2.30 -5.77 -6.61
N TYR A 16 -1.06 -6.20 -6.66
CA TYR A 16 0.05 -5.34 -7.02
C TYR A 16 -0.14 -4.67 -8.38
N ASN A 17 -0.76 -5.37 -9.33
CA ASN A 17 -0.96 -4.80 -10.67
C ASN A 17 -2.24 -3.99 -10.81
N HIS A 18 -2.87 -3.70 -9.69
CA HIS A 18 -4.11 -2.96 -9.69
C HIS A 18 -3.95 -1.70 -8.85
N GLU A 19 -4.89 -0.78 -8.99
CA GLU A 19 -4.85 0.45 -8.21
C GLU A 19 -4.96 0.07 -6.75
N PRO A 20 -4.12 0.66 -5.87
CA PRO A 20 -4.35 0.32 -4.47
C PRO A 20 -5.76 0.66 -4.02
N LEU A 21 -6.24 -0.11 -3.05
CA LEU A 21 -7.58 0.05 -2.52
C LEU A 21 -7.53 0.61 -1.10
N ILE A 22 -8.21 1.73 -0.87
CA ILE A 22 -8.30 2.31 0.47
C ILE A 22 -9.61 1.89 1.11
N ILE A 23 -9.48 1.26 2.27
CA ILE A 23 -10.62 0.85 3.05
C ILE A 23 -10.86 1.93 4.10
N CYS A 24 -12.02 2.58 4.02
CA CYS A 24 -12.45 3.58 5.00
C CYS A 24 -13.12 2.88 6.18
N GLU A 25 -12.37 2.72 7.26
CA GLU A 25 -12.84 1.97 8.41
C GLU A 25 -13.64 2.90 9.35
N ILE A 26 -14.96 2.84 9.24
CA ILE A 26 -15.81 3.61 10.14
C ILE A 26 -15.82 2.98 11.51
N GLY A 27 -15.66 1.66 11.57
CA GLY A 27 -15.55 0.95 12.83
C GLY A 27 -16.60 1.28 13.87
N ILE A 28 -16.13 1.72 15.03
CA ILE A 28 -17.01 2.10 16.11
C ILE A 28 -17.15 3.62 16.19
N ASN A 29 -16.64 4.31 15.18
CA ASN A 29 -16.65 5.78 15.19
C ASN A 29 -18.04 6.41 15.26
N HIS A 30 -19.08 5.67 14.87
CA HIS A 30 -20.43 6.20 14.91
C HIS A 30 -21.01 6.22 16.31
N GLU A 31 -20.29 5.64 17.28
CA GLU A 31 -20.72 5.66 18.68
C GLU A 31 -22.14 5.15 18.84
N GLY A 32 -22.51 4.23 17.97
CA GLY A 32 -23.77 3.50 18.09
C GLY A 32 -24.96 4.16 17.45
N SER A 33 -24.73 5.26 16.74
CA SER A 33 -25.81 6.06 16.15
C SER A 33 -25.85 5.90 14.65
N LEU A 34 -27.00 5.54 14.09
CA LEU A 34 -27.13 5.49 12.64
C LEU A 34 -27.05 6.86 11.99
N LYS A 35 -27.60 7.88 12.63
CA LYS A 35 -27.45 9.24 12.11
C LYS A 35 -25.96 9.55 11.88
N THR A 36 -25.13 9.29 12.87
CA THR A 36 -23.71 9.56 12.76
C THR A 36 -23.10 8.65 11.70
N ALA A 37 -23.47 7.37 11.70
CA ALA A 37 -22.91 6.45 10.72
C ALA A 37 -23.21 6.91 9.30
N PHE A 38 -24.45 7.36 9.06
CA PHE A 38 -24.84 7.77 7.71
C PHE A 38 -24.12 9.06 7.30
N GLU A 39 -23.91 9.96 8.26
CA GLU A 39 -23.11 11.16 8.02
C GLU A 39 -21.68 10.80 7.64
N MSE A 40 -21.13 9.77 8.27
CA MSE A 40 -19.79 9.31 7.89
C MSE A 40 -19.73 8.60 6.54
O MSE A 40 -18.78 8.80 5.78
CB MSE A 40 -19.21 8.44 9.02
CG MSE A 40 -19.07 9.23 10.29
SE MSE A 40 -18.44 8.16 11.75
CE MSE A 40 -17.91 9.59 12.98
N VAL A 41 -20.75 7.78 6.22
CA VAL A 41 -20.86 7.17 4.88
C VAL A 41 -20.98 8.26 3.81
N ASP A 42 -21.78 9.29 4.09
CA ASP A 42 -21.94 10.40 3.14
C ASP A 42 -20.62 11.05 2.85
N ALA A 43 -19.87 11.34 3.92
CA ALA A 43 -18.59 11.96 3.81
C ALA A 43 -17.62 11.08 3.02
N ALA A 44 -17.63 9.79 3.28
CA ALA A 44 -16.78 8.86 2.56
C ALA A 44 -17.11 8.87 1.07
N TYR A 45 -18.40 8.82 0.78
CA TYR A 45 -18.83 8.80 -0.59
C TYR A 45 -18.35 10.05 -1.32
N ASN A 46 -18.64 11.20 -0.71
CA ASN A 46 -18.35 12.47 -1.34
C ASN A 46 -16.83 12.66 -1.49
N ALA A 47 -16.04 12.01 -0.64
CA ALA A 47 -14.57 12.08 -0.74
C ALA A 47 -14.00 11.21 -1.86
N GLY A 48 -14.81 10.32 -2.42
CA GLY A 48 -14.35 9.40 -3.45
C GLY A 48 -14.00 7.98 -2.99
N ALA A 49 -14.45 7.59 -1.80
CA ALA A 49 -14.16 6.24 -1.28
C ALA A 49 -14.84 5.13 -2.08
N GLU A 50 -14.15 3.99 -2.16
CA GLU A 50 -14.69 2.81 -2.82
C GLU A 50 -15.29 1.79 -1.87
N VAL A 51 -14.78 1.78 -0.64
CA VAL A 51 -15.14 0.79 0.35
C VAL A 51 -15.30 1.43 1.72
N VAL A 52 -16.38 1.07 2.40
CA VAL A 52 -16.56 1.44 3.81
C VAL A 52 -16.61 0.14 4.60
N LYS A 53 -15.77 0.06 5.63
CA LYS A 53 -15.75 -1.12 6.49
C LYS A 53 -16.34 -0.79 7.85
N HIS A 54 -17.11 -1.73 8.38
CA HIS A 54 -17.75 -1.59 9.68
C HIS A 54 -17.04 -2.53 10.65
N GLN A 55 -17.41 -2.48 11.91
CA GLN A 55 -17.07 -3.52 12.89
C GLN A 55 -18.35 -4.14 13.41
N THR A 56 -18.43 -5.46 13.39
CA THR A 56 -19.66 -6.14 13.78
C THR A 56 -19.49 -6.69 15.19
N HIS A 57 -20.06 -5.98 16.15
CA HIS A 57 -19.88 -6.31 17.55
C HIS A 57 -21.18 -6.84 18.13
N ILE A 58 -21.07 -8.03 18.71
CA ILE A 58 -22.13 -8.69 19.43
C ILE A 58 -21.58 -9.05 20.81
N VAL A 59 -21.93 -8.24 21.81
CA VAL A 59 -21.12 -8.16 23.02
C VAL A 59 -21.04 -9.50 23.74
N GLU A 60 -22.18 -10.17 23.86
CA GLU A 60 -22.24 -11.41 24.59
C GLU A 60 -21.49 -12.57 23.93
N ASP A 61 -21.35 -12.58 22.59
CA ASP A 61 -20.66 -13.69 21.91
C ASP A 61 -19.19 -13.42 21.73
N GLU A 62 -18.77 -12.16 21.78
CA GLU A 62 -17.37 -11.85 21.56
C GLU A 62 -16.57 -11.72 22.85
N MSE A 63 -17.25 -11.55 23.98
CA MSE A 63 -16.58 -11.32 25.25
C MSE A 63 -17.24 -12.13 26.38
O MSE A 63 -18.45 -12.24 26.42
CB MSE A 63 -16.63 -9.84 25.65
CG MSE A 63 -15.70 -8.91 24.91
SE MSE A 63 -16.13 -7.04 25.20
CE MSE A 63 -17.82 -7.01 24.23
N SER A 64 -16.42 -12.66 27.27
CA SER A 64 -16.90 -13.25 28.53
C SER A 64 -16.95 -12.15 29.60
N ASP A 65 -17.47 -12.45 30.78
CA ASP A 65 -17.62 -11.40 31.80
C ASP A 65 -16.30 -10.76 32.23
N GLU A 66 -15.19 -11.47 32.04
CA GLU A 66 -13.88 -10.90 32.34
C GLU A 66 -13.62 -9.56 31.63
N ALA A 67 -14.23 -9.36 30.47
CA ALA A 67 -13.99 -8.14 29.67
C ALA A 67 -14.58 -6.89 30.33
N LYS A 68 -15.50 -7.09 31.28
CA LYS A 68 -16.05 -5.96 32.04
C LYS A 68 -15.01 -5.38 33.01
N GLN A 69 -13.91 -6.11 33.20
CA GLN A 69 -12.83 -5.67 34.10
C GLN A 69 -11.56 -5.13 33.41
N VAL A 70 -11.55 -5.13 32.08
CA VAL A 70 -10.35 -4.81 31.32
C VAL A 70 -10.57 -3.61 30.39
N ILE A 71 -9.61 -2.71 30.44
CA ILE A 71 -9.62 -1.41 29.77
C ILE A 71 -8.61 -1.40 28.60
N PRO A 72 -9.02 -0.93 27.43
CA PRO A 72 -8.06 -0.84 26.31
C PRO A 72 -7.07 0.30 26.49
N GLY A 73 -6.03 0.32 25.66
CA GLY A 73 -5.00 1.35 25.76
C GLY A 73 -5.49 2.78 25.47
N ASN A 74 -6.58 2.88 24.71
CA ASN A 74 -7.08 4.16 24.24
C ASN A 74 -8.40 4.56 24.87
N ALA A 75 -8.67 4.07 26.08
CA ALA A 75 -9.87 4.49 26.80
C ALA A 75 -9.62 4.39 28.28
N ASP A 76 -10.61 4.78 29.05
CA ASP A 76 -10.52 4.74 30.50
C ASP A 76 -11.71 4.00 31.11
N VAL A 77 -12.50 3.37 30.25
CA VAL A 77 -13.56 2.47 30.70
C VAL A 77 -13.37 1.09 30.08
N SER A 78 -14.11 0.10 30.56
CA SER A 78 -13.88 -1.26 30.09
C SER A 78 -14.25 -1.41 28.62
N ILE A 79 -13.61 -2.39 27.99
CA ILE A 79 -13.89 -2.69 26.60
C ILE A 79 -15.34 -3.15 26.47
N TYR A 80 -15.88 -3.84 27.49
CA TYR A 80 -17.29 -4.23 27.45
C TYR A 80 -18.21 -3.01 27.34
N GLU A 81 -17.95 -2.00 28.16
CA GLU A 81 -18.76 -0.79 28.17
C GLU A 81 -18.67 -0.07 26.82
N ILE A 82 -17.47 -0.01 26.23
CA ILE A 82 -17.28 0.65 24.95
C ILE A 82 -18.14 -0.04 23.89
N MSE A 83 -18.06 -1.36 23.82
CA MSE A 83 -18.81 -2.11 22.82
C MSE A 83 -20.32 -2.07 23.05
O MSE A 83 -21.09 -2.05 22.08
CB MSE A 83 -18.31 -3.53 22.74
CG MSE A 83 -16.87 -3.63 22.28
SE MSE A 83 -16.52 -2.50 20.71
CE MSE A 83 -14.65 -2.49 20.76
N GLU A 84 -20.76 -2.05 24.30
CA GLU A 84 -22.19 -1.92 24.60
C GLU A 84 -22.75 -0.57 24.11
N ARG A 85 -21.92 0.45 24.23
CA ARG A 85 -22.24 1.80 23.80
C ARG A 85 -22.27 1.93 22.26
N CYS A 86 -21.33 1.30 21.57
CA CYS A 86 -21.12 1.54 20.14
C CYS A 86 -21.74 0.50 19.21
N ALA A 87 -22.10 -0.67 19.73
CA ALA A 87 -22.49 -1.77 18.87
C ALA A 87 -23.84 -1.50 18.18
N LEU A 88 -23.94 -1.77 16.90
CA LEU A 88 -25.22 -1.69 16.21
C LEU A 88 -25.88 -3.06 16.22
N ASN A 89 -27.19 -3.10 16.44
CA ASN A 89 -27.89 -4.37 16.35
C ASN A 89 -28.00 -4.85 14.90
N GLU A 90 -28.55 -6.04 14.68
CA GLU A 90 -28.55 -6.64 13.32
C GLU A 90 -29.35 -5.81 12.31
N GLU A 91 -30.55 -5.40 12.71
CA GLU A 91 -31.41 -4.57 11.89
C GLU A 91 -30.70 -3.29 11.44
N ASP A 92 -30.05 -2.63 12.38
CA ASP A 92 -29.41 -1.37 12.08
C ASP A 92 -28.22 -1.57 11.17
N GLU A 93 -27.46 -2.64 11.40
CA GLU A 93 -26.30 -2.92 10.57
C GLU A 93 -26.73 -3.28 9.14
N ILE A 94 -27.86 -3.98 8.99
CA ILE A 94 -28.39 -4.25 7.66
C ILE A 94 -28.73 -2.92 6.96
N LYS A 95 -29.30 -1.96 7.69
CA LYS A 95 -29.57 -0.65 7.11
C LYS A 95 -28.29 0.05 6.65
N LEU A 96 -27.26 0.00 7.50
CA LEU A 96 -25.97 0.59 7.17
C LEU A 96 -25.41 0.01 5.86
N LYS A 97 -25.41 -1.31 5.75
CA LYS A 97 -24.95 -1.97 4.52
C LYS A 97 -25.72 -1.49 3.32
N GLU A 98 -27.06 -1.45 3.43
CA GLU A 98 -27.88 -0.99 2.31
C GLU A 98 -27.53 0.45 1.94
N TYR A 99 -27.34 1.29 2.95
CA TYR A 99 -27.01 2.70 2.72
C TYR A 99 -25.68 2.85 1.99
N VAL A 100 -24.67 2.13 2.46
CA VAL A 100 -23.37 2.12 1.79
C VAL A 100 -23.52 1.69 0.35
N GLU A 101 -24.28 0.61 0.10
CA GLU A 101 -24.48 0.13 -1.27
C GLU A 101 -25.33 1.08 -2.11
N SER A 102 -26.19 1.86 -1.48
CA SER A 102 -27.00 2.84 -2.21
C SER A 102 -26.15 3.99 -2.75
N LYS A 103 -24.93 4.12 -2.23
CA LYS A 103 -24.02 5.16 -2.67
C LYS A 103 -22.99 4.59 -3.65
N GLY A 104 -23.25 3.37 -4.12
CA GLY A 104 -22.38 2.73 -5.09
C GLY A 104 -21.08 2.24 -4.49
N MSE A 105 -20.97 2.23 -3.17
CA MSE A 105 -19.76 1.74 -2.53
C MSE A 105 -19.88 0.29 -2.07
O MSE A 105 -20.98 -0.25 -1.95
CB MSE A 105 -19.38 2.62 -1.37
CG MSE A 105 -19.00 4.01 -1.81
SE MSE A 105 -18.36 5.15 -0.37
CE MSE A 105 -20.01 5.24 0.67
N ILE A 106 -18.74 -0.34 -1.80
CA ILE A 106 -18.73 -1.67 -1.25
C ILE A 106 -18.75 -1.67 0.28
N PHE A 107 -19.60 -2.52 0.86
CA PHE A 107 -19.67 -2.71 2.30
C PHE A 107 -19.00 -4.02 2.71
N ILE A 108 -18.00 -3.89 3.58
CA ILE A 108 -17.45 -5.04 4.30
C ILE A 108 -17.41 -4.77 5.79
N SER A 109 -17.06 -5.78 6.59
CA SER A 109 -16.99 -5.60 8.03
C SER A 109 -16.02 -6.57 8.66
N THR A 110 -15.63 -6.25 9.89
CA THR A 110 -14.82 -7.13 10.68
C THR A 110 -15.71 -7.82 11.69
N LEU A 111 -15.55 -9.14 11.83
CA LEU A 111 -16.28 -9.89 12.83
C LEU A 111 -15.39 -10.12 14.02
N PHE A 112 -15.98 -10.18 15.21
CA PHE A 112 -15.22 -10.47 16.40
C PHE A 112 -15.76 -11.68 17.15
N SER A 113 -16.63 -12.43 16.51
CA SER A 113 -17.28 -13.57 17.13
C SER A 113 -17.92 -14.46 16.08
N ARG A 114 -18.26 -15.68 16.49
CA ARG A 114 -19.04 -16.60 15.67
C ARG A 114 -20.36 -15.96 15.26
N ALA A 115 -21.06 -15.37 16.22
CA ALA A 115 -22.38 -14.82 15.95
C ALA A 115 -22.26 -13.72 14.88
N ALA A 116 -21.22 -12.89 14.99
CA ALA A 116 -20.98 -11.82 14.01
C ALA A 116 -20.64 -12.40 12.64
N ALA A 117 -19.83 -13.46 12.59
CA ALA A 117 -19.50 -14.11 11.32
C ALA A 117 -20.78 -14.58 10.63
N LEU A 118 -21.64 -15.21 11.41
CA LEU A 118 -22.87 -15.75 10.86
C LEU A 118 -23.81 -14.63 10.42
N ARG A 119 -23.86 -13.54 11.18
CA ARG A 119 -24.65 -12.38 10.79
C ARG A 119 -24.17 -11.82 9.45
N LEU A 120 -22.86 -11.71 9.28
CA LEU A 120 -22.30 -11.13 8.07
C LEU A 120 -22.55 -12.05 6.86
N GLN A 121 -22.48 -13.36 7.09
CA GLN A 121 -22.78 -14.34 6.04
C GLN A 121 -24.24 -14.23 5.60
N ARG A 122 -25.17 -13.98 6.53
CA ARG A 122 -26.58 -13.80 6.15
C ARG A 122 -26.71 -12.57 5.26
N MSE A 123 -25.89 -11.56 5.54
CA MSE A 123 -25.91 -10.33 4.74
C MSE A 123 -25.12 -10.52 3.44
O MSE A 123 -25.20 -9.68 2.55
CB MSE A 123 -25.34 -9.16 5.57
CG MSE A 123 -26.11 -8.94 6.87
SE MSE A 123 -25.20 -7.74 8.14
CE MSE A 123 -24.99 -6.48 6.96
N ASP A 124 -24.35 -11.60 3.36
CA ASP A 124 -23.63 -11.97 2.14
C ASP A 124 -22.59 -10.94 1.70
N ILE A 125 -21.75 -10.47 2.63
CA ILE A 125 -20.75 -9.49 2.26
C ILE A 125 -19.72 -10.13 1.32
N PRO A 126 -19.06 -9.32 0.47
CA PRO A 126 -18.21 -9.90 -0.56
C PRO A 126 -16.81 -10.30 -0.10
N ALA A 127 -16.42 -9.87 1.10
CA ALA A 127 -15.13 -10.24 1.66
C ALA A 127 -15.18 -10.01 3.16
N TYR A 128 -14.38 -10.75 3.91
CA TYR A 128 -14.40 -10.69 5.37
C TYR A 128 -13.08 -10.18 5.88
N LYS A 129 -13.16 -9.20 6.76
CA LYS A 129 -11.98 -8.71 7.44
C LYS A 129 -11.86 -9.43 8.79
N ILE A 130 -10.65 -9.90 9.09
CA ILE A 130 -10.31 -10.42 10.38
C ILE A 130 -9.28 -9.49 10.98
N GLY A 131 -9.64 -8.89 12.10
CA GLY A 131 -8.76 -7.98 12.83
C GLY A 131 -7.57 -8.63 13.48
N SER A 132 -6.59 -7.80 13.84
CA SER A 132 -5.33 -8.30 14.39
C SER A 132 -5.56 -9.08 15.68
N GLY A 133 -6.58 -8.69 16.45
CA GLY A 133 -6.88 -9.37 17.67
C GLY A 133 -7.32 -10.81 17.44
N GLU A 134 -7.88 -11.08 16.27
CA GLU A 134 -8.38 -12.43 15.92
C GLU A 134 -7.45 -13.19 14.98
N CYS A 135 -6.30 -12.61 14.66
CA CYS A 135 -5.36 -13.22 13.74
C CYS A 135 -4.92 -14.62 14.25
N ASN A 136 -4.85 -14.76 15.58
CA ASN A 136 -4.50 -16.03 16.21
C ASN A 136 -5.74 -16.78 16.71
N ASN A 137 -6.92 -16.31 16.34
CA ASN A 137 -8.16 -16.99 16.73
C ASN A 137 -8.53 -18.03 15.69
N TYR A 138 -7.84 -19.15 15.75
CA TYR A 138 -7.91 -20.14 14.69
C TYR A 138 -9.30 -20.77 14.48
N PRO A 139 -10.03 -21.04 15.58
CA PRO A 139 -11.41 -21.50 15.42
C PRO A 139 -12.28 -20.51 14.65
N LEU A 140 -12.10 -19.22 14.90
CA LEU A 140 -12.90 -18.21 14.21
C LEU A 140 -12.49 -18.11 12.73
N ILE A 141 -11.19 -18.20 12.47
CA ILE A 141 -10.67 -18.19 11.12
C ILE A 141 -11.23 -19.38 10.31
N LYS A 142 -11.17 -20.58 10.89
CA LYS A 142 -11.77 -21.74 10.25
C LYS A 142 -13.22 -21.47 9.85
N LEU A 143 -13.99 -20.90 10.76
CA LEU A 143 -15.42 -20.66 10.50
C LEU A 143 -15.59 -19.72 9.32
N VAL A 144 -14.90 -18.59 9.36
CA VAL A 144 -15.04 -17.59 8.31
C VAL A 144 -14.54 -18.10 6.95
N ALA A 145 -13.43 -18.84 6.95
CA ALA A 145 -12.90 -19.36 5.70
C ALA A 145 -13.90 -20.30 5.03
N SER A 146 -14.71 -20.98 5.84
CA SER A 146 -15.72 -21.90 5.32
C SER A 146 -16.81 -21.19 4.53
N PHE A 147 -16.85 -19.86 4.59
CA PHE A 147 -17.92 -19.13 3.93
C PHE A 147 -17.71 -18.98 2.42
N GLY A 148 -16.49 -19.25 1.96
CA GLY A 148 -16.19 -19.23 0.51
C GLY A 148 -15.81 -17.90 -0.13
N LYS A 149 -15.63 -16.86 0.70
CA LYS A 149 -15.28 -15.52 0.22
C LYS A 149 -13.84 -15.14 0.59
N PRO A 150 -13.25 -14.17 -0.14
CA PRO A 150 -11.90 -13.73 0.21
C PRO A 150 -11.79 -13.22 1.64
N ILE A 151 -10.61 -13.35 2.24
CA ILE A 151 -10.39 -12.86 3.58
C ILE A 151 -9.28 -11.82 3.56
N ILE A 152 -9.51 -10.71 4.27
CA ILE A 152 -8.48 -9.73 4.51
C ILE A 152 -8.08 -9.89 5.97
N LEU A 153 -6.85 -10.34 6.19
CA LEU A 153 -6.39 -10.67 7.52
C LEU A 153 -5.34 -9.69 8.00
N SER A 154 -5.65 -8.95 9.08
CA SER A 154 -4.66 -8.07 9.68
C SER A 154 -3.80 -8.87 10.61
N THR A 155 -2.55 -8.47 10.74
CA THR A 155 -1.58 -9.30 11.40
C THR A 155 -0.81 -8.61 12.52
N GLY A 156 -1.34 -7.51 13.05
CA GLY A 156 -0.74 -6.89 14.23
C GLY A 156 -0.61 -7.87 15.40
N MSE A 157 0.37 -7.66 16.26
CA MSE A 157 0.52 -8.43 17.50
C MSE A 157 0.86 -9.89 17.28
O MSE A 157 0.83 -10.66 18.24
CB MSE A 157 -0.77 -8.32 18.33
CG MSE A 157 -1.08 -6.89 18.73
SE MSE A 157 -2.75 -6.65 19.69
CE MSE A 157 -4.03 -7.00 18.29
N ASN A 158 1.19 -10.27 16.05
CA ASN A 158 1.43 -11.66 15.68
C ASN A 158 2.72 -11.87 14.89
N SER A 159 3.41 -12.95 15.19
CA SER A 159 4.61 -13.33 14.49
C SER A 159 4.26 -14.07 13.20
N ILE A 160 5.22 -14.12 12.29
CA ILE A 160 5.11 -14.94 11.09
C ILE A 160 4.65 -16.36 11.45
N GLU A 161 5.27 -16.95 12.46
CA GLU A 161 4.91 -18.31 12.90
C GLU A 161 3.42 -18.47 13.23
N SER A 162 2.89 -17.50 13.96
CA SER A 162 1.49 -17.48 14.38
C SER A 162 0.57 -17.28 13.19
N ILE A 163 0.95 -16.37 12.30
CA ILE A 163 0.20 -16.09 11.10
C ILE A 163 0.16 -17.32 10.17
N LYS A 164 1.26 -18.07 10.14
CA LYS A 164 1.34 -19.26 9.28
C LYS A 164 0.17 -20.22 9.50
N LYS A 165 -0.21 -20.42 10.75
CA LYS A 165 -1.29 -21.33 11.05
C LYS A 165 -2.61 -20.79 10.51
N SER A 166 -2.78 -19.48 10.53
CA SER A 166 -3.99 -18.91 9.99
C SER A 166 -4.02 -19.01 8.46
N VAL A 167 -2.88 -18.74 7.83
CA VAL A 167 -2.79 -18.87 6.37
C VAL A 167 -3.05 -20.33 5.94
N GLU A 168 -2.53 -21.28 6.71
CA GLU A 168 -2.78 -22.70 6.44
C GLU A 168 -4.28 -23.02 6.39
N ILE A 169 -5.04 -22.47 7.34
CA ILE A 169 -6.48 -22.70 7.40
C ILE A 169 -7.19 -22.06 6.19
N ILE A 170 -6.78 -20.85 5.84
CA ILE A 170 -7.36 -20.15 4.72
C ILE A 170 -7.12 -20.92 3.41
N ARG A 171 -5.89 -21.36 3.19
CA ARG A 171 -5.57 -22.11 1.96
C ARG A 171 -6.37 -23.40 1.87
N GLU A 172 -6.47 -24.13 2.97
CA GLU A 172 -7.26 -25.38 2.99
C GLU A 172 -8.71 -25.14 2.51
N ALA A 173 -9.25 -23.99 2.89
CA ALA A 173 -10.62 -23.65 2.54
C ALA A 173 -10.67 -23.21 1.07
N GLY A 174 -9.51 -22.89 0.52
CA GLY A 174 -9.39 -22.50 -0.88
C GLY A 174 -9.96 -21.12 -1.24
N VAL A 175 -9.83 -20.16 -0.34
CA VAL A 175 -10.27 -18.80 -0.67
C VAL A 175 -9.02 -17.93 -0.78
N PRO A 176 -9.05 -16.93 -1.67
CA PRO A 176 -7.93 -16.00 -1.73
C PRO A 176 -7.87 -15.12 -0.49
N TYR A 177 -6.72 -14.52 -0.23
CA TYR A 177 -6.57 -13.73 1.00
C TYR A 177 -5.52 -12.65 0.87
N ALA A 178 -5.67 -11.61 1.69
CA ALA A 178 -4.68 -10.56 1.83
C ALA A 178 -4.15 -10.57 3.24
N LEU A 179 -2.91 -10.13 3.42
CA LEU A 179 -2.35 -9.93 4.75
C LEU A 179 -2.02 -8.47 4.89
N LEU A 180 -2.55 -7.83 5.93
CA LEU A 180 -2.19 -6.43 6.18
C LEU A 180 -1.24 -6.40 7.36
N HIS A 181 -0.07 -5.81 7.16
CA HIS A 181 0.82 -5.52 8.26
C HIS A 181 0.13 -4.44 9.10
N CYS A 182 0.37 -4.45 10.39
CA CYS A 182 -0.38 -3.58 11.29
C CYS A 182 0.34 -3.48 12.63
N THR A 183 0.14 -2.36 13.32
CA THR A 183 0.60 -2.18 14.68
C THR A 183 -0.61 -1.59 15.45
N ASN A 184 -0.98 -2.20 16.57
CA ASN A 184 -2.25 -1.90 17.20
C ASN A 184 -2.07 -1.10 18.46
N ILE A 185 -1.55 0.12 18.27
CA ILE A 185 -1.53 1.16 19.29
C ILE A 185 -2.32 2.34 18.71
N TYR A 186 -3.19 2.93 19.53
CA TYR A 186 -4.10 3.95 19.05
C TYR A 186 -3.86 5.28 19.74
N PRO A 187 -3.04 6.14 19.13
CA PRO A 187 -2.33 6.03 17.89
C PRO A 187 -0.95 5.41 17.99
N THR A 188 -0.42 5.07 16.82
CA THR A 188 0.90 4.46 16.70
C THR A 188 1.96 5.48 16.33
N PRO A 189 3.10 5.49 17.05
CA PRO A 189 4.20 6.35 16.65
C PRO A 189 4.86 5.82 15.39
N TYR A 190 5.44 6.72 14.61
CA TYR A 190 6.07 6.35 13.36
C TYR A 190 7.09 5.25 13.59
N GLU A 191 7.84 5.37 14.68
CA GLU A 191 8.94 4.44 14.93
C GLU A 191 8.49 2.99 15.13
N ASP A 192 7.21 2.76 15.39
CA ASP A 192 6.73 1.41 15.66
C ASP A 192 6.11 0.76 14.41
N VAL A 193 6.02 1.51 13.31
CA VAL A 193 5.34 1.00 12.09
C VAL A 193 6.06 -0.17 11.40
N ARG A 194 7.38 -0.07 11.27
CA ARG A 194 8.18 -1.13 10.65
C ARG A 194 7.63 -1.58 9.29
N LEU A 195 7.64 -0.68 8.30
CA LEU A 195 7.16 -1.01 6.96
C LEU A 195 7.78 -2.29 6.38
N GLY A 196 9.01 -2.58 6.78
CA GLY A 196 9.70 -3.80 6.37
C GLY A 196 8.98 -5.07 6.74
N GLY A 197 8.08 -4.98 7.71
CA GLY A 197 7.22 -6.07 8.06
C GLY A 197 6.43 -6.56 6.86
N MSE A 198 6.10 -5.66 5.94
CA MSE A 198 5.38 -6.05 4.74
C MSE A 198 6.21 -6.99 3.86
O MSE A 198 5.68 -7.96 3.32
CB MSE A 198 4.98 -4.79 3.95
CG MSE A 198 4.07 -3.89 4.72
SE MSE A 198 3.72 -2.26 3.71
CE MSE A 198 2.58 -3.13 2.55
N ASN A 199 7.48 -6.68 3.70
CA ASN A 199 8.42 -7.55 2.98
C ASN A 199 8.54 -8.92 3.64
N ASP A 200 8.56 -8.93 4.97
CA ASP A 200 8.66 -10.18 5.71
C ASP A 200 7.44 -11.04 5.38
N LEU A 201 6.27 -10.40 5.35
CA LEU A 201 5.04 -11.14 5.05
C LEU A 201 5.04 -11.69 3.63
N SER A 202 5.38 -10.86 2.66
CA SER A 202 5.36 -11.31 1.26
CA SER A 202 5.38 -11.29 1.27
C SER A 202 6.35 -12.45 1.04
N GLU A 203 7.52 -12.37 1.67
CA GLU A 203 8.53 -13.40 1.57
C GLU A 203 8.00 -14.72 2.15
N ALA A 204 7.38 -14.64 3.32
CA ALA A 204 6.90 -15.83 4.00
C ALA A 204 5.65 -16.43 3.33
N PHE A 205 4.83 -15.56 2.73
CA PHE A 205 3.55 -15.97 2.13
C PHE A 205 3.38 -15.46 0.70
N PRO A 206 4.03 -16.14 -0.26
CA PRO A 206 4.11 -15.65 -1.64
C PRO A 206 2.79 -15.55 -2.37
N ASP A 207 1.76 -16.20 -1.87
CA ASP A 207 0.45 -16.18 -2.52
C ASP A 207 -0.49 -15.12 -1.93
N ALA A 208 -0.03 -14.41 -0.90
CA ALA A 208 -0.81 -13.34 -0.27
C ALA A 208 -0.76 -12.02 -1.05
N ILE A 209 -1.90 -11.34 -1.11
CA ILE A 209 -1.94 -9.92 -1.45
C ILE A 209 -1.51 -9.19 -0.17
N ILE A 210 -0.64 -8.19 -0.28
CA ILE A 210 -0.05 -7.54 0.89
C ILE A 210 -0.44 -6.07 1.00
N GLY A 211 -0.78 -5.64 2.20
CA GLY A 211 -1.12 -4.24 2.42
C GLY A 211 -0.77 -3.78 3.82
N LEU A 212 -1.36 -2.65 4.22
CA LEU A 212 -1.10 -2.04 5.52
C LEU A 212 -2.41 -1.57 6.13
N SER A 213 -2.61 -1.90 7.39
CA SER A 213 -3.65 -1.33 8.21
C SER A 213 -2.92 -0.43 9.18
N ASP A 214 -3.34 0.82 9.30
CA ASP A 214 -2.52 1.81 9.99
C ASP A 214 -3.29 2.62 11.06
N HIS A 215 -2.57 2.99 12.12
CA HIS A 215 -3.14 3.77 13.21
C HIS A 215 -2.24 4.94 13.65
N THR A 216 -1.37 5.40 12.76
CA THR A 216 -0.63 6.64 12.97
C THR A 216 -1.54 7.85 12.77
N LEU A 217 -1.00 9.03 12.99
CA LEU A 217 -1.81 10.24 12.92
C LEU A 217 -1.96 10.81 11.50
N ASP A 218 -1.30 10.22 10.52
CA ASP A 218 -1.36 10.80 9.17
C ASP A 218 -1.11 9.77 8.06
N ASN A 219 -0.93 10.26 6.83
CA ASN A 219 -0.90 9.38 5.66
C ASN A 219 0.47 8.86 5.32
N TYR A 220 1.50 9.31 6.01
CA TYR A 220 2.88 8.97 5.60
C TYR A 220 3.14 7.45 5.55
N ALA A 221 2.78 6.74 6.60
CA ALA A 221 2.97 5.28 6.62
C ALA A 221 2.26 4.57 5.46
N CYS A 222 1.01 4.91 5.22
CA CYS A 222 0.29 4.31 4.10
C CYS A 222 0.96 4.65 2.75
N LEU A 223 1.49 5.88 2.61
CA LEU A 223 2.13 6.24 1.36
C LEU A 223 3.38 5.41 1.19
N GLY A 224 4.15 5.24 2.26
CA GLY A 224 5.31 4.39 2.21
C GLY A 224 4.90 2.99 1.82
N ALA A 225 3.80 2.51 2.38
CA ALA A 225 3.32 1.15 2.06
C ALA A 225 3.06 0.98 0.57
N VAL A 226 2.49 2.00 -0.07
CA VAL A 226 2.25 1.90 -1.50
C VAL A 226 3.57 1.81 -2.27
N ALA A 227 4.54 2.66 -1.89
CA ALA A 227 5.86 2.63 -2.50
C ALA A 227 6.51 1.26 -2.40
N LEU A 228 6.26 0.55 -1.31
CA LEU A 228 6.85 -0.76 -1.08
C LEU A 228 6.06 -1.87 -1.79
N GLY A 229 4.92 -1.55 -2.35
CA GLY A 229 4.16 -2.54 -3.13
C GLY A 229 2.80 -2.91 -2.56
N GLY A 230 2.37 -2.19 -1.53
CA GLY A 230 1.09 -2.46 -0.85
C GLY A 230 -0.11 -2.25 -1.74
N SER A 231 -1.10 -3.14 -1.60
CA SER A 231 -2.27 -3.15 -2.48
C SER A 231 -3.56 -2.73 -1.78
N ILE A 232 -3.54 -2.78 -0.46
CA ILE A 232 -4.71 -2.44 0.34
C ILE A 232 -4.22 -1.56 1.45
N LEU A 233 -4.91 -0.46 1.65
CA LEU A 233 -4.56 0.45 2.73
C LEU A 233 -5.80 0.66 3.59
N GLU A 234 -5.64 0.52 4.89
CA GLU A 234 -6.75 0.75 5.82
C GLU A 234 -6.37 1.80 6.87
N ARG A 235 -7.20 2.83 6.98
CA ARG A 235 -7.19 3.76 8.11
C ARG A 235 -8.63 3.92 8.60
N HIS A 236 -8.79 4.23 9.87
CA HIS A 236 -10.09 4.58 10.39
C HIS A 236 -10.51 5.89 9.71
N PHE A 237 -11.81 6.13 9.65
CA PHE A 237 -12.35 7.26 8.91
C PHE A 237 -13.43 7.95 9.70
N THR A 238 -13.43 9.27 9.67
CA THR A 238 -14.47 10.07 10.31
C THR A 238 -14.86 11.18 9.35
N ASP A 239 -16.07 11.68 9.49
CA ASP A 239 -16.48 12.83 8.71
C ASP A 239 -15.82 14.10 9.22
N ARG A 240 -15.56 14.15 10.52
CA ARG A 240 -14.84 15.28 11.12
C ARG A 240 -14.04 14.90 12.35
N MSE A 241 -12.94 15.63 12.59
CA MSE A 241 -11.99 15.20 13.60
C MSE A 241 -12.45 15.58 15.00
O MSE A 241 -11.87 15.11 15.99
CB MSE A 241 -10.57 15.76 13.31
CG MSE A 241 -9.90 15.27 11.99
SE MSE A 241 -9.67 13.47 11.77
CE MSE A 241 -9.03 13.08 13.42
N ASP A 242 -13.49 16.40 15.11
CA ASP A 242 -13.93 16.80 16.45
C ASP A 242 -14.87 15.80 17.13
N ARG A 243 -15.21 14.73 16.43
CA ARG A 243 -16.03 13.64 16.98
C ARG A 243 -15.38 12.99 18.20
N PRO A 244 -16.22 12.48 19.13
CA PRO A 244 -15.72 11.73 20.27
C PRO A 244 -15.55 10.26 19.91
N GLY A 245 -14.65 9.56 20.60
CA GLY A 245 -14.51 8.12 20.43
C GLY A 245 -13.05 7.74 20.44
N PRO A 246 -12.73 6.50 20.86
CA PRO A 246 -11.36 6.07 21.10
C PRO A 246 -10.49 6.02 19.85
N ASP A 247 -11.10 5.84 18.68
CA ASP A 247 -10.33 5.68 17.43
C ASP A 247 -10.30 6.95 16.58
N ILE A 248 -11.01 7.99 17.01
CA ILE A 248 -11.12 9.19 16.16
C ILE A 248 -9.74 9.81 15.92
N VAL A 249 -8.90 9.83 16.95
CA VAL A 249 -7.63 10.51 16.84
C VAL A 249 -6.75 10.02 15.66
N CYS A 250 -6.82 8.73 15.31
CA CYS A 250 -5.97 8.24 14.25
CA CYS A 250 -5.97 8.23 14.23
C CYS A 250 -6.73 8.11 12.94
N SER A 251 -7.92 8.65 12.90
CA SER A 251 -8.77 8.57 11.72
C SER A 251 -8.42 9.57 10.62
N MSE A 252 -8.64 9.17 9.39
CA MSE A 252 -8.56 10.14 8.33
C MSE A 252 -9.92 10.80 8.19
O MSE A 252 -10.93 10.28 8.70
CB MSE A 252 -8.03 9.53 7.03
CG MSE A 252 -8.87 8.58 6.32
SE MSE A 252 -7.95 7.52 4.88
CE MSE A 252 -9.29 6.09 5.01
N ASN A 253 -9.96 11.97 7.57
CA ASN A 253 -11.22 12.65 7.25
C ASN A 253 -11.31 12.81 5.74
N PRO A 254 -12.37 13.43 5.22
CA PRO A 254 -12.49 13.52 3.77
C PRO A 254 -11.27 14.12 3.08
N ASP A 255 -10.75 15.21 3.61
CA ASP A 255 -9.62 15.85 3.00
C ASP A 255 -8.41 14.91 2.99
N THR A 256 -8.15 14.21 4.09
CA THR A 256 -6.94 13.41 4.16
C THR A 256 -7.09 12.12 3.36
N PHE A 257 -8.32 11.64 3.26
CA PHE A 257 -8.63 10.53 2.36
C PHE A 257 -8.29 10.92 0.92
N LYS A 258 -8.75 12.10 0.50
CA LYS A 258 -8.47 12.56 -0.86
C LYS A 258 -6.98 12.66 -1.13
N GLU A 259 -6.23 13.14 -0.13
CA GLU A 259 -4.77 13.19 -0.25
C GLU A 259 -4.17 11.78 -0.42
N LEU A 260 -4.65 10.81 0.35
CA LEU A 260 -4.10 9.45 0.32
C LEU A 260 -4.39 8.82 -1.04
N LYS A 261 -5.60 9.01 -1.51
CA LYS A 261 -5.98 8.46 -2.80
C LYS A 261 -5.07 9.01 -3.92
N GLN A 262 -4.74 10.30 -3.87
CA GLN A 262 -3.93 10.94 -4.89
C GLN A 262 -2.49 10.41 -4.82
N GLY A 263 -1.97 10.39 -3.61
CA GLY A 263 -0.64 9.86 -3.34
C GLY A 263 -0.48 8.40 -3.72
N ALA A 264 -1.52 7.61 -3.43
CA ALA A 264 -1.47 6.18 -3.71
C ALA A 264 -1.44 5.95 -5.21
N HIS A 265 -2.19 6.74 -5.94
CA HIS A 265 -2.16 6.66 -7.39
C HIS A 265 -0.79 7.02 -7.93
N ALA A 266 -0.21 8.12 -7.46
CA ALA A 266 1.11 8.50 -7.93
C ALA A 266 2.13 7.41 -7.64
N LEU A 267 2.10 6.84 -6.44
CA LEU A 267 3.10 5.88 -6.05
C LEU A 267 2.83 4.51 -6.68
N LYS A 268 1.61 4.20 -7.03
CA LYS A 268 1.31 2.99 -7.81
C LYS A 268 2.01 3.09 -9.16
N LEU A 269 1.99 4.26 -9.77
CA LEU A 269 2.68 4.48 -11.04
C LEU A 269 4.22 4.46 -10.88
N ALA A 270 4.72 5.07 -9.81
CA ALA A 270 6.16 5.26 -9.66
C ALA A 270 6.87 4.02 -9.15
N ARG A 271 6.15 3.09 -8.55
CA ARG A 271 6.83 2.07 -7.79
C ARG A 271 7.37 0.97 -8.68
N GLY A 272 8.28 0.18 -8.13
CA GLY A 272 8.75 -1.03 -8.82
C GLY A 272 9.55 -0.68 -10.07
N GLY A 273 9.38 -1.49 -11.10
CA GLY A 273 10.16 -1.34 -12.32
C GLY A 273 11.61 -1.73 -12.10
N LYS A 274 12.43 -1.50 -13.13
CA LYS A 274 13.83 -1.91 -13.14
C LYS A 274 14.74 -0.75 -13.57
N LYS A 275 15.95 -0.72 -13.05
CA LYS A 275 16.91 0.33 -13.36
C LYS A 275 17.26 0.40 -14.86
N ASP A 276 17.41 -0.76 -15.49
CA ASP A 276 17.97 -0.81 -16.84
C ASP A 276 16.94 -0.51 -17.93
N THR A 277 15.67 -0.39 -17.56
CA THR A 277 14.63 -0.06 -18.53
C THR A 277 14.96 1.26 -19.27
N ILE A 278 14.91 1.22 -20.60
CA ILE A 278 15.18 2.41 -21.40
C ILE A 278 13.92 3.28 -21.52
N ILE A 279 14.07 4.56 -21.19
CA ILE A 279 12.94 5.49 -21.14
C ILE A 279 13.01 6.41 -22.35
N ALA A 280 12.03 6.30 -23.25
CA ALA A 280 12.08 7.02 -24.52
C ALA A 280 12.21 8.52 -24.33
N GLY A 281 11.56 9.03 -23.30
CA GLY A 281 11.50 10.47 -23.12
C GLY A 281 12.82 11.08 -22.71
N GLU A 282 13.78 10.26 -22.31
CA GLU A 282 15.11 10.77 -21.96
C GLU A 282 16.00 11.03 -23.18
N LYS A 283 15.56 10.56 -24.35
CA LYS A 283 16.42 10.61 -25.55
C LYS A 283 17.00 12.00 -25.85
N PRO A 284 16.17 13.06 -25.86
CA PRO A 284 16.69 14.43 -26.08
C PRO A 284 17.75 14.84 -25.06
N THR A 285 17.64 14.33 -23.83
CA THR A 285 18.65 14.61 -22.83
C THR A 285 19.92 13.83 -23.15
N LYS A 286 19.80 12.54 -23.44
CA LYS A 286 20.99 11.75 -23.80
C LYS A 286 21.73 12.38 -24.96
N ASP A 287 20.99 12.85 -25.96
CA ASP A 287 21.61 13.38 -27.16
C ASP A 287 22.45 14.66 -26.90
N PHE A 288 22.05 15.50 -25.94
CA PHE A 288 22.88 16.69 -25.63
C PHE A 288 23.87 16.49 -24.49
N ALA A 289 23.55 15.59 -23.56
CA ALA A 289 24.27 15.53 -22.30
C ALA A 289 25.49 14.63 -22.31
N PHE A 290 25.44 13.55 -23.09
CA PHE A 290 26.54 12.62 -23.18
C PHE A 290 27.68 13.28 -23.96
N ALA A 291 28.91 12.87 -23.64
CA ALA A 291 30.12 13.45 -24.25
C ALA A 291 30.68 12.64 -25.42
N SER A 292 31.37 13.36 -26.32
CA SER A 292 32.07 12.75 -27.45
C SER A 292 33.55 13.11 -27.33
N VAL A 293 34.40 12.35 -28.03
CA VAL A 293 35.83 12.62 -27.98
C VAL A 293 36.19 13.80 -28.88
N VAL A 294 36.96 14.74 -28.33
CA VAL A 294 37.43 15.90 -29.06
C VAL A 294 38.96 16.02 -28.98
N ALA A 295 39.56 16.84 -29.84
CA ALA A 295 40.99 17.13 -29.73
C ALA A 295 41.20 18.14 -28.63
N ASP A 296 42.18 17.89 -27.76
CA ASP A 296 42.45 18.78 -26.65
C ASP A 296 43.56 19.76 -27.04
N LYS A 297 44.24 19.46 -28.13
CA LYS A 297 45.20 20.37 -28.74
C LYS A 297 45.13 20.23 -30.26
N ASP A 298 45.78 21.16 -30.96
CA ASP A 298 46.06 20.98 -32.38
C ASP A 298 46.92 19.74 -32.54
N ILE A 299 46.48 18.83 -33.41
CA ILE A 299 47.26 17.65 -33.70
C ILE A 299 47.66 17.62 -35.18
N LYS A 300 48.95 17.52 -35.45
CA LYS A 300 49.45 17.49 -36.81
C LYS A 300 49.30 16.11 -37.44
N LYS A 301 49.13 16.09 -38.76
CA LYS A 301 49.04 14.85 -39.49
C LYS A 301 50.25 13.98 -39.18
N GLY A 302 50.01 12.70 -38.94
CA GLY A 302 51.07 11.77 -38.59
C GLY A 302 51.33 11.62 -37.10
N GLU A 303 50.86 12.57 -36.29
CA GLU A 303 51.07 12.52 -34.84
C GLU A 303 50.14 11.51 -34.18
N LEU A 304 50.58 10.93 -33.07
CA LEU A 304 49.80 9.91 -32.38
C LEU A 304 48.79 10.51 -31.43
N LEU A 305 47.56 10.00 -31.45
CA LEU A 305 46.55 10.37 -30.46
C LEU A 305 46.94 9.82 -29.09
N SER A 306 46.63 10.57 -28.04
CA SER A 306 46.98 10.17 -26.68
C SER A 306 46.04 10.80 -25.66
N GLY A 307 46.17 10.39 -24.40
CA GLY A 307 45.40 11.01 -23.33
C GLY A 307 45.87 12.44 -23.11
N ASP A 308 46.97 12.80 -23.74
CA ASP A 308 47.54 14.13 -23.66
C ASP A 308 46.92 15.11 -24.68
N ASN A 309 46.49 14.61 -25.82
CA ASN A 309 45.94 15.50 -26.85
C ASN A 309 44.46 15.23 -27.17
N LEU A 310 43.85 14.36 -26.38
CA LEU A 310 42.43 14.07 -26.52
C LEU A 310 41.72 14.34 -25.21
N TRP A 311 40.46 14.73 -25.33
CA TRP A 311 39.61 14.86 -24.17
C TRP A 311 38.16 14.62 -24.60
N VAL A 312 37.19 15.00 -23.77
CA VAL A 312 35.79 14.71 -24.06
C VAL A 312 34.91 15.90 -23.70
N LYS A 313 33.88 16.12 -24.50
CA LYS A 313 32.96 17.25 -24.32
C LYS A 313 31.59 16.91 -24.86
N ARG A 314 30.54 17.53 -24.31
CA ARG A 314 29.20 17.48 -24.92
C ARG A 314 29.26 18.12 -26.29
N PRO A 315 28.31 17.77 -27.18
CA PRO A 315 27.24 16.80 -26.97
C PRO A 315 27.61 15.42 -27.50
N GLY A 316 26.62 14.55 -27.64
CA GLY A 316 26.86 13.12 -27.87
C GLY A 316 26.87 12.68 -29.32
N ASN A 317 27.02 13.60 -30.26
CA ASN A 317 26.84 13.24 -31.67
C ASN A 317 28.14 12.98 -32.42
N GLY A 318 29.26 13.03 -31.70
CA GLY A 318 30.58 12.75 -32.29
C GLY A 318 30.72 11.30 -32.73
N ASP A 319 31.66 11.06 -33.64
CA ASP A 319 31.90 9.71 -34.15
C ASP A 319 32.34 8.75 -33.06
N PHE A 320 33.03 9.29 -32.06
CA PHE A 320 33.52 8.52 -30.94
C PHE A 320 32.96 9.03 -29.60
N SER A 321 32.32 8.12 -28.90
CA SER A 321 31.75 8.40 -27.60
C SER A 321 32.84 8.38 -26.53
N VAL A 322 32.52 8.98 -25.38
CA VAL A 322 33.48 9.01 -24.29
C VAL A 322 33.81 7.57 -23.90
N ASN A 323 32.85 6.68 -24.12
CA ASN A 323 33.07 5.28 -23.86
C ASN A 323 34.25 4.71 -24.65
N GLU A 324 34.56 5.32 -25.78
CA GLU A 324 35.59 4.84 -26.71
C GLU A 324 36.91 5.60 -26.59
N TYR A 325 36.95 6.55 -25.66
CA TYR A 325 38.07 7.46 -25.51
C TYR A 325 39.43 6.76 -25.57
N GLU A 326 39.64 5.79 -24.69
CA GLU A 326 40.94 5.15 -24.57
C GLU A 326 41.33 4.32 -25.78
N THR A 327 40.33 3.94 -26.59
CA THR A 327 40.62 3.13 -27.77
C THR A 327 41.33 3.93 -28.85
N LEU A 328 41.24 5.25 -28.78
CA LEU A 328 41.92 6.09 -29.77
C LEU A 328 43.41 6.29 -29.47
N PHE A 329 43.84 5.93 -28.26
CA PHE A 329 45.23 6.10 -27.86
C PHE A 329 46.16 5.31 -28.76
N GLY A 330 47.13 5.98 -29.37
CA GLY A 330 48.08 5.31 -30.25
C GLY A 330 47.67 5.31 -31.71
N LYS A 331 46.44 5.75 -32.00
CA LYS A 331 46.05 5.91 -33.39
C LYS A 331 46.78 7.09 -34.02
N VAL A 332 46.75 7.12 -35.34
CA VAL A 332 47.51 8.10 -36.10
C VAL A 332 46.61 9.08 -36.82
N ALA A 333 46.85 10.35 -36.56
CA ALA A 333 46.14 11.42 -37.24
C ALA A 333 46.37 11.33 -38.76
N ALA A 334 45.26 11.21 -39.49
CA ALA A 334 45.26 11.03 -40.93
C ALA A 334 45.29 12.38 -41.62
N CYS A 335 45.19 13.42 -40.80
CA CYS A 335 45.20 14.80 -41.28
C CYS A 335 45.40 15.68 -40.06
N ASN A 336 45.61 16.97 -40.29
CA ASN A 336 45.71 17.92 -39.20
C ASN A 336 44.36 17.97 -38.51
N ILE A 337 44.37 18.02 -37.17
CA ILE A 337 43.14 18.08 -36.40
C ILE A 337 43.15 19.32 -35.54
N ARG A 338 42.04 20.05 -35.59
CA ARG A 338 41.90 21.32 -34.90
C ARG A 338 41.51 21.11 -33.45
N LYS A 339 42.20 21.82 -32.55
CA LYS A 339 41.88 21.79 -31.12
C LYS A 339 40.42 22.16 -30.91
N GLY A 340 39.71 21.34 -30.14
CA GLY A 340 38.29 21.57 -29.90
C GLY A 340 37.35 20.85 -30.85
N ALA A 341 37.87 20.35 -31.96
CA ALA A 341 37.05 19.61 -32.93
C ALA A 341 36.77 18.20 -32.43
N GLN A 342 35.59 17.66 -32.76
CA GLN A 342 35.31 16.27 -32.46
C GLN A 342 36.21 15.42 -33.32
N ILE A 343 36.67 14.30 -32.76
CA ILE A 343 37.45 13.34 -33.54
C ILE A 343 36.52 12.59 -34.47
N LYS A 344 36.84 12.60 -35.76
CA LYS A 344 36.00 11.92 -36.75
C LYS A 344 36.66 10.63 -37.17
N LYS A 345 35.87 9.71 -37.70
CA LYS A 345 36.39 8.45 -38.20
C LYS A 345 37.46 8.70 -39.26
N THR A 346 37.30 9.79 -40.00
CA THR A 346 38.21 10.12 -41.08
C THR A 346 39.50 10.76 -40.60
N ASP A 347 39.55 11.14 -39.33
CA ASP A 347 40.74 11.78 -38.75
C ASP A 347 41.82 10.79 -38.33
N ILE A 348 41.53 9.50 -38.40
CA ILE A 348 42.51 8.52 -37.97
C ILE A 348 42.82 7.53 -39.08
N GLU A 349 44.04 7.05 -39.08
CA GLU A 349 44.45 6.06 -40.07
C GLU A 349 43.85 4.69 -39.73
OAE WQP B . -6.20 -4.85 13.33
PAD WQP B . -6.81 -3.79 12.46
OAA WQP B . -6.45 -3.86 10.98
OAC WQP B . -6.80 -2.43 13.13
OAH WQP B . -8.38 -4.22 12.43
CAN WQP B . -9.47 -3.57 13.04
CAM WQP B . -10.71 -4.15 12.43
OAV WQP B . -10.60 -4.74 11.34
OAL WQP B . -11.81 -3.97 13.01
CAO WQP B . -9.47 -3.74 14.55
CAP WQP B . -9.66 -2.37 15.20
OAW WQP B . -8.41 -1.66 15.03
CAQ WQP B . -10.03 -2.50 16.70
NAI WQP B . -8.96 -3.17 17.41
CAF WQP B . -9.08 -4.40 17.90
CAG WQP B . -7.88 -4.94 18.62
OAB WQP B . -10.08 -5.07 17.78
CAR WQP B . -10.31 -1.13 17.35
OAX WQP B . -11.16 -0.29 16.55
CAS WQP B . -10.93 -1.27 18.73
OAJ WQP B . -12.27 -1.80 18.61
CAT WQP B . -10.99 0.08 19.48
OAY WQP B . -9.74 0.78 19.44
CAU WQP B . -11.36 -0.18 20.93
OAK WQP B . -11.17 1.00 21.72
MN MN C . -7.80 -0.52 12.76
C ACT D . 4.72 -6.22 -0.66
O ACT D . 5.60 -6.37 0.22
OXT ACT D . 4.15 -5.13 -0.62
CH3 ACT D . 4.34 -7.28 -1.65
C1 EDO E . 2.41 9.96 14.65
O1 EDO E . 1.50 8.88 14.66
C2 EDO E . 2.47 10.48 16.08
O2 EDO E . 3.01 9.49 16.97
C1 EDO F . 18.47 3.47 -17.94
O1 EDO F . 17.12 3.81 -18.26
C2 EDO F . 19.25 3.06 -19.18
O2 EDO F . 18.96 3.92 -20.29
C1 EDO G . 0.70 14.98 6.59
O1 EDO G . 0.17 15.94 5.68
C2 EDO G . 0.88 13.65 5.88
O2 EDO G . -0.41 13.04 5.76
C1 EDO H . -4.58 3.54 31.25
O1 EDO H . -4.05 4.68 30.56
C2 EDO H . -6.00 3.24 30.75
O2 EDO H . -5.98 2.88 29.37
C1 LMR I . -2.30 8.25 -15.13
O1A LMR I . -1.69 7.96 -16.19
O1B LMR I . -2.90 7.36 -14.48
C2 LMR I . -2.31 9.65 -14.64
O2 LMR I . -2.91 9.67 -13.37
C3 LMR I . -0.88 10.16 -14.52
C4 LMR I . -0.89 11.63 -14.18
O4A LMR I . 0.11 12.16 -13.65
O4B LMR I . -1.91 12.31 -14.43
#